data_3I9O
#
_entry.id   3I9O
#
_cell.length_a   56.726
_cell.length_b   56.726
_cell.length_c   360.333
_cell.angle_alpha   90.00
_cell.angle_beta   90.00
_cell.angle_gamma   120.00
#
_symmetry.space_group_name_H-M   'P 61'
#
loop_
_entity.id
_entity.type
_entity.pdbx_description
1 polymer 'ADP-ribosyl cyclase'
2 non-polymer '[(2R,3S,4R,5R)-5-(6-amino-9H-purin-9-yl)-3,4-dihydroxytetrahydrofuran-2-yl]methyl [(2R,3R,4S)-4-fluoro-3-hydroxytetrahydrofuran-2-yl]methyl dihydrogen diphosphate'
#
_entity_poly.entity_id   1
_entity_poly.type   'polypeptide(L)'
_entity_poly.pdbx_seq_one_letter_code
;IVPTRELENVFLGRCKDYEITRYLDILPRVRSDCSALWKDFFKAFSFKNPCDLDLGSYKDFFTSAQQQLPKNKVMFWSGV
YDEAHDYANTGRKYITLEDTLPGYMLNSLVWCGQRANPGFNEKVCPDFKTCPVQARESFWGMASSSYAHSAEGEVTYMVD
GSNPKVPAYRPDSFFGKYELPNLTNKVTRVKVIVLHRLGEKIIEKCGAGSLLDLEKLVKAKHFAFDCVENPRAVLFLLCS
DNPNARECRLAKRFYRIA
;
_entity_poly.pdbx_strand_id   A,B
#
# COMPACT_ATOMS: atom_id res chain seq x y z
N ILE A 1 12.00 20.06 13.70
CA ILE A 1 11.69 18.75 13.02
C ILE A 1 11.75 17.58 14.03
N VAL A 2 10.59 16.92 14.23
CA VAL A 2 10.31 15.93 15.34
C VAL A 2 10.66 14.49 15.00
N PRO A 3 11.44 13.83 15.85
CA PRO A 3 11.81 12.43 15.58
C PRO A 3 10.64 11.50 15.80
N THR A 4 10.64 10.38 15.11
CA THR A 4 9.57 9.40 15.16
C THR A 4 9.43 8.83 16.56
N ARG A 5 8.24 8.88 17.13
CA ARG A 5 8.10 8.35 18.48
C ARG A 5 8.43 6.86 18.52
N GLU A 6 8.93 6.38 19.66
CA GLU A 6 9.12 4.95 19.87
C GLU A 6 9.78 4.26 18.68
N LEU A 7 10.90 4.83 18.23
CA LEU A 7 11.62 4.34 17.08
C LEU A 7 11.85 2.83 17.11
N GLU A 8 12.45 2.38 18.18
CA GLU A 8 12.72 0.96 18.26
C GLU A 8 11.47 0.11 17.94
N ASN A 9 10.34 0.45 18.56
CA ASN A 9 9.20 -0.42 18.50
C ASN A 9 8.61 -0.47 17.13
N VAL A 10 8.70 0.66 16.43
CA VAL A 10 8.12 0.77 15.10
C VAL A 10 9.00 -0.06 14.15
N PHE A 11 10.29 0.16 14.29
CA PHE A 11 11.24 -0.59 13.51
C PHE A 11 10.97 -2.08 13.64
N LEU A 12 10.97 -2.58 14.87
CA LEU A 12 10.79 -4.01 15.09
C LEU A 12 9.45 -4.56 14.61
N GLY A 13 8.39 -3.75 14.72
CA GLY A 13 7.07 -4.16 14.26
C GLY A 13 6.96 -4.17 12.74
N ARG A 14 7.46 -3.10 12.11
CA ARG A 14 7.45 -3.05 10.67
C ARG A 14 8.21 -4.27 10.17
N CYS A 15 9.24 -4.62 10.92
CA CYS A 15 10.18 -5.66 10.52
C CYS A 15 9.52 -7.08 10.60
N LYS A 16 8.84 -7.32 11.72
CA LYS A 16 8.12 -8.56 11.89
C LYS A 16 7.02 -8.71 10.87
N ASP A 17 6.29 -7.64 10.65
CA ASP A 17 5.25 -7.60 9.64
C ASP A 17 5.76 -8.03 8.27
N TYR A 18 6.86 -7.44 7.88
CA TYR A 18 7.42 -7.75 6.61
C TYR A 18 7.87 -9.20 6.54
N GLU A 19 8.77 -9.54 7.46
CA GLU A 19 9.34 -10.86 7.57
C GLU A 19 8.27 -11.90 7.28
N ILE A 20 7.06 -11.69 7.78
CA ILE A 20 6.07 -12.75 7.82
C ILE A 20 4.97 -12.57 6.81
N THR A 21 4.68 -11.37 6.34
CA THR A 21 3.49 -11.26 5.50
C THR A 21 3.61 -10.52 4.19
N ARG A 22 4.65 -9.70 4.07
CA ARG A 22 4.77 -8.79 2.95
C ARG A 22 5.65 -9.34 1.83
N TYR A 23 5.24 -9.09 0.59
CA TYR A 23 6.00 -9.52 -0.57
C TYR A 23 6.45 -10.97 -0.49
N LEU A 24 5.57 -11.87 -0.10
CA LEU A 24 6.07 -13.20 0.06
C LEU A 24 6.51 -13.85 -1.24
N ASP A 25 5.71 -13.69 -2.28
CA ASP A 25 6.03 -14.29 -3.56
C ASP A 25 6.88 -13.34 -4.43
N ILE A 26 7.31 -12.21 -3.89
CA ILE A 26 7.95 -11.20 -4.73
C ILE A 26 9.40 -10.94 -4.34
N LEU A 27 9.70 -10.89 -3.04
CA LEU A 27 11.08 -10.72 -2.56
C LEU A 27 11.46 -11.81 -1.61
N PRO A 28 12.72 -12.24 -1.64
CA PRO A 28 13.08 -13.29 -0.73
C PRO A 28 13.18 -12.71 0.69
N ARG A 29 13.05 -13.58 1.71
CA ARG A 29 13.19 -13.17 3.10
C ARG A 29 14.62 -12.85 3.41
N VAL A 30 14.83 -12.01 4.39
CA VAL A 30 16.18 -11.65 4.78
C VAL A 30 16.72 -12.75 5.72
N ARG A 31 18.03 -12.77 6.02
CA ARG A 31 18.40 -13.80 6.95
C ARG A 31 18.48 -13.38 8.39
N SER A 32 19.09 -12.25 8.66
CA SER A 32 19.10 -11.79 10.04
C SER A 32 17.65 -11.78 10.56
N ASP A 33 17.47 -12.03 11.84
CA ASP A 33 16.18 -11.81 12.49
C ASP A 33 16.11 -10.34 12.89
N CYS A 34 15.04 -9.95 13.59
CA CYS A 34 14.80 -8.53 13.78
C CYS A 34 15.66 -7.78 14.77
N SER A 35 16.02 -8.38 15.91
CA SER A 35 16.88 -7.61 16.82
C SER A 35 18.39 -7.60 16.41
N ALA A 36 18.72 -8.56 15.53
CA ALA A 36 19.97 -8.57 14.82
C ALA A 36 19.99 -7.37 13.91
N LEU A 37 18.93 -7.19 13.14
CA LEU A 37 18.86 -6.05 12.25
C LEU A 37 18.89 -4.75 13.02
N TRP A 38 18.12 -4.72 14.08
CA TRP A 38 18.04 -3.51 14.85
C TRP A 38 19.37 -3.14 15.46
N LYS A 39 20.13 -4.12 15.98
CA LYS A 39 21.48 -3.87 16.51
C LYS A 39 22.38 -3.13 15.56
N ASP A 40 22.36 -3.55 14.30
CA ASP A 40 23.21 -2.97 13.29
C ASP A 40 22.69 -1.59 12.94
N PHE A 41 21.37 -1.46 12.93
CA PHE A 41 20.77 -0.15 12.67
C PHE A 41 21.17 0.83 13.75
N PHE A 42 20.89 0.48 14.99
CA PHE A 42 21.21 1.34 16.08
C PHE A 42 22.72 1.72 16.11
N LYS A 43 23.60 0.74 16.14
CA LYS A 43 25.04 0.96 16.13
C LYS A 43 25.46 2.09 15.20
N ALA A 44 24.94 2.04 13.97
CA ALA A 44 25.35 2.97 12.93
C ALA A 44 25.30 4.44 13.33
N PHE A 45 24.32 4.83 14.13
CA PHE A 45 24.18 6.26 14.43
C PHE A 45 24.10 6.66 15.91
N SER A 46 23.90 5.69 16.82
CA SER A 46 23.75 6.03 18.24
C SER A 46 25.02 6.55 18.89
N PHE A 47 24.85 7.35 19.94
CA PHE A 47 25.93 7.86 20.77
C PHE A 47 26.92 8.71 20.03
N LYS A 48 26.47 9.32 18.95
CA LYS A 48 27.26 10.24 18.19
C LYS A 48 26.40 11.44 17.91
N ASN A 49 27.05 12.52 17.58
CA ASN A 49 26.40 13.64 17.02
C ASN A 49 25.57 13.36 15.74
N PRO A 50 24.35 13.99 15.64
CA PRO A 50 23.56 13.74 14.43
C PRO A 50 24.48 13.84 13.25
N CYS A 51 25.36 14.84 13.29
CA CYS A 51 26.15 15.22 12.14
C CYS A 51 27.39 14.40 11.90
N ASP A 52 27.44 13.26 12.58
CA ASP A 52 28.68 12.51 12.68
C ASP A 52 28.65 11.26 11.83
N LEU A 53 27.92 11.28 10.74
CA LEU A 53 27.78 10.08 9.97
C LEU A 53 28.42 10.29 8.62
N ASP A 54 29.00 9.23 8.09
CA ASP A 54 29.41 9.22 6.68
C ASP A 54 28.75 8.08 5.94
N LEU A 55 29.30 7.79 4.76
CA LEU A 55 28.67 6.78 3.91
C LEU A 55 28.82 5.31 4.36
N GLY A 56 29.76 5.04 5.25
CA GLY A 56 29.97 3.69 5.70
C GLY A 56 29.23 3.39 6.98
N SER A 57 28.54 4.40 7.51
CA SER A 57 28.00 4.26 8.85
C SER A 57 26.96 3.14 8.97
N TYR A 58 26.15 2.93 7.92
CA TYR A 58 25.16 1.84 7.97
C TYR A 58 25.56 0.74 6.99
N LYS A 59 26.85 0.56 6.76
CA LYS A 59 27.30 -0.55 5.90
C LYS A 59 26.88 -1.96 6.43
N ASP A 60 27.18 -2.25 7.68
CA ASP A 60 26.77 -3.53 8.22
C ASP A 60 25.30 -3.81 8.04
N PHE A 61 24.50 -2.81 8.40
CA PHE A 61 23.05 -2.98 8.44
C PHE A 61 22.51 -3.34 7.07
N PHE A 62 22.98 -2.65 6.02
CA PHE A 62 22.55 -2.97 4.68
C PHE A 62 23.18 -4.27 4.21
N THR A 63 24.31 -4.67 4.81
CA THR A 63 24.81 -6.00 4.53
C THR A 63 23.76 -7.02 5.03
N SER A 64 23.36 -6.90 6.28
CA SER A 64 22.35 -7.82 6.79
C SER A 64 21.01 -7.75 6.01
N ALA A 65 20.53 -6.54 5.76
CA ALA A 65 19.18 -6.35 5.25
C ALA A 65 19.02 -6.47 3.75
N GLN A 66 20.10 -6.68 3.02
CA GLN A 66 20.00 -6.79 1.56
C GLN A 66 19.34 -8.08 1.13
N GLN A 67 18.47 -7.97 0.14
CA GLN A 67 17.82 -9.14 -0.45
C GLN A 67 18.14 -9.17 -1.92
N GLN A 68 18.33 -10.35 -2.49
CA GLN A 68 18.53 -10.50 -3.92
C GLN A 68 17.29 -10.09 -4.65
N LEU A 69 17.41 -9.48 -5.82
CA LEU A 69 16.20 -8.86 -6.44
C LEU A 69 15.73 -9.49 -7.75
N PRO A 70 14.41 -9.51 -7.98
CA PRO A 70 13.96 -10.15 -9.25
C PRO A 70 14.64 -9.55 -10.49
N LYS A 71 15.14 -10.44 -11.33
CA LYS A 71 15.61 -10.12 -12.68
C LYS A 71 14.60 -9.25 -13.44
N ASN A 72 15.05 -8.11 -13.96
CA ASN A 72 14.25 -7.19 -14.80
C ASN A 72 13.17 -6.42 -14.11
N LYS A 73 13.04 -6.55 -12.80
CA LYS A 73 11.87 -6.00 -12.17
C LYS A 73 12.27 -4.81 -11.34
N VAL A 74 13.53 -4.40 -11.45
CA VAL A 74 13.99 -3.29 -10.60
C VAL A 74 13.67 -1.97 -11.25
N MET A 75 13.07 -1.06 -10.49
CA MET A 75 12.82 0.29 -10.98
C MET A 75 13.52 1.39 -10.15
N PHE A 76 13.91 2.48 -10.83
CA PHE A 76 14.33 3.73 -10.20
C PHE A 76 13.44 4.85 -10.64
N TRP A 77 13.44 5.94 -9.90
CA TRP A 77 12.67 7.09 -10.33
C TRP A 77 13.39 8.38 -9.90
N SER A 78 13.05 9.52 -10.48
CA SER A 78 13.42 10.80 -9.88
C SER A 78 12.30 11.80 -10.06
N GLY A 79 11.91 12.41 -8.95
CA GLY A 79 10.82 13.38 -8.89
C GLY A 79 9.47 12.95 -9.40
N VAL A 80 9.09 11.71 -9.18
CA VAL A 80 7.74 11.26 -9.54
C VAL A 80 7.29 10.23 -8.52
N TYR A 81 7.58 10.46 -7.24
CA TYR A 81 7.30 9.44 -6.26
C TYR A 81 5.93 8.78 -6.54
N ASP A 82 4.87 9.57 -6.50
CA ASP A 82 3.53 8.98 -6.52
C ASP A 82 3.36 8.13 -7.75
N GLU A 83 3.78 8.66 -8.90
CA GLU A 83 3.39 8.05 -10.14
C GLU A 83 4.17 6.79 -10.35
N ALA A 84 5.46 6.87 -10.06
CA ALA A 84 6.28 5.67 -10.11
C ALA A 84 5.76 4.58 -9.17
N HIS A 85 5.32 4.93 -7.96
CA HIS A 85 4.92 3.84 -7.10
C HIS A 85 3.59 3.23 -7.43
N ASP A 86 2.71 4.05 -7.99
CA ASP A 86 1.46 3.57 -8.54
C ASP A 86 1.75 2.65 -9.67
N TYR A 87 2.56 3.11 -10.60
CA TYR A 87 2.81 2.27 -11.71
C TYR A 87 3.44 0.93 -11.29
N ALA A 88 4.31 0.93 -10.28
CA ALA A 88 5.01 -0.29 -9.84
C ALA A 88 4.05 -1.27 -9.15
N ASN A 89 2.99 -0.71 -8.59
CA ASN A 89 1.89 -1.52 -8.04
C ASN A 89 2.46 -2.49 -7.02
N THR A 90 2.83 -2.00 -5.84
CA THR A 90 3.32 -2.86 -4.75
C THR A 90 4.01 -4.15 -5.24
N GLY A 91 5.01 -3.96 -6.10
CA GLY A 91 5.86 -5.06 -6.52
C GLY A 91 5.28 -5.92 -7.61
N ARG A 92 4.00 -5.74 -7.90
CA ARG A 92 3.37 -6.60 -8.88
C ARG A 92 3.99 -6.35 -10.27
N LYS A 93 4.14 -5.10 -10.64
CA LYS A 93 4.72 -4.76 -11.92
C LYS A 93 6.23 -4.47 -11.86
N TYR A 94 6.70 -3.74 -10.84
CA TYR A 94 8.13 -3.51 -10.65
C TYR A 94 8.46 -3.47 -9.16
N ILE A 95 9.74 -3.40 -8.84
CA ILE A 95 10.15 -3.30 -7.45
C ILE A 95 10.74 -1.91 -7.24
N THR A 96 10.27 -1.15 -6.27
CA THR A 96 10.96 0.09 -5.94
C THR A 96 11.77 -0.11 -4.67
N LEU A 97 12.72 0.78 -4.41
CA LEU A 97 13.47 0.69 -3.16
C LEU A 97 12.60 0.52 -1.91
N GLU A 98 11.43 1.18 -1.91
CA GLU A 98 10.45 1.21 -0.81
C GLU A 98 9.81 -0.14 -0.49
N ASP A 99 10.01 -1.12 -1.38
CA ASP A 99 9.38 -2.44 -1.30
C ASP A 99 10.35 -3.43 -0.67
N THR A 100 11.61 -3.07 -0.61
CA THR A 100 12.59 -3.90 0.00
C THR A 100 12.46 -3.78 1.52
N LEU A 101 12.97 -4.74 2.27
CA LEU A 101 12.89 -4.67 3.70
C LEU A 101 13.34 -3.30 4.26
N PRO A 102 14.59 -2.95 4.01
CA PRO A 102 15.15 -1.76 4.62
C PRO A 102 14.33 -0.57 4.23
N GLY A 103 13.99 -0.46 2.96
CA GLY A 103 13.17 0.66 2.50
C GLY A 103 11.84 0.71 3.22
N TYR A 104 11.29 -0.48 3.46
CA TYR A 104 9.98 -0.60 4.03
C TYR A 104 10.03 -0.30 5.49
N MET A 105 11.03 -0.81 6.20
CA MET A 105 11.06 -0.50 7.63
C MET A 105 11.22 0.98 7.85
N LEU A 106 12.13 1.60 7.11
CA LEU A 106 12.56 2.95 7.44
C LEU A 106 11.80 4.07 6.75
N ASN A 107 10.98 3.72 5.79
CA ASN A 107 10.24 4.68 5.00
C ASN A 107 9.61 5.77 5.85
N SER A 108 10.02 7.00 5.64
CA SER A 108 9.29 8.10 6.26
C SER A 108 9.62 8.39 7.70
N LEU A 109 10.50 7.60 8.28
CA LEU A 109 10.83 7.81 9.69
C LEU A 109 11.88 8.88 9.89
N VAL A 110 11.87 9.48 11.06
CA VAL A 110 12.85 10.50 11.42
C VAL A 110 13.60 10.10 12.69
N TRP A 111 14.92 10.09 12.64
CA TRP A 111 15.69 9.71 13.83
C TRP A 111 17.05 10.36 13.78
N CYS A 112 17.75 10.44 14.91
CA CYS A 112 19.14 10.92 14.90
C CYS A 112 19.86 10.63 16.18
N GLY A 113 21.17 10.49 16.08
CA GLY A 113 21.97 10.17 17.22
C GLY A 113 22.28 11.39 18.08
N GLN A 114 22.56 11.13 19.35
CA GLN A 114 23.07 12.13 20.24
C GLN A 114 24.07 11.38 21.10
N ARG A 115 24.99 12.14 21.66
CA ARG A 115 26.11 11.56 22.40
C ARG A 115 25.70 11.10 23.82
N ALA A 116 24.84 11.88 24.48
CA ALA A 116 24.35 11.58 25.81
C ALA A 116 23.27 10.48 25.79
N ASN A 117 23.22 9.66 26.83
CA ASN A 117 22.17 8.65 26.93
C ASN A 117 20.78 9.15 26.56
N PRO A 118 19.99 8.30 25.90
CA PRO A 118 20.17 6.90 25.53
C PRO A 118 20.90 6.61 24.21
N GLY A 119 21.67 7.57 23.66
CA GLY A 119 22.31 7.42 22.36
C GLY A 119 21.60 8.21 21.25
N PHE A 120 20.30 8.43 21.38
CA PHE A 120 19.57 9.12 20.36
C PHE A 120 18.60 10.16 20.92
N ASN A 121 18.11 11.03 20.05
CA ASN A 121 17.38 12.18 20.50
C ASN A 121 15.89 12.01 20.35
N GLU A 122 15.13 12.18 21.40
CA GLU A 122 13.70 12.00 21.24
C GLU A 122 12.91 13.27 21.20
N LYS A 123 13.58 14.40 21.33
CA LYS A 123 12.90 15.68 21.17
C LYS A 123 13.02 16.16 19.73
N VAL A 124 14.25 16.44 19.31
CA VAL A 124 14.50 17.08 18.03
C VAL A 124 15.62 16.44 17.20
N CYS A 125 15.53 16.60 15.87
CA CYS A 125 16.66 16.35 14.99
C CYS A 125 16.85 17.59 14.15
N PRO A 126 18.12 17.96 13.94
CA PRO A 126 18.47 19.09 13.08
C PRO A 126 17.97 18.80 11.66
N ASP A 127 17.81 19.86 10.86
CA ASP A 127 17.17 19.77 9.55
C ASP A 127 18.30 19.24 8.71
N PHE A 128 18.41 17.99 8.38
CA PHE A 128 19.69 17.55 7.84
C PHE A 128 20.41 18.44 6.76
N LYS A 129 19.68 19.27 6.01
CA LYS A 129 20.41 20.27 5.23
C LYS A 129 21.36 21.18 6.03
N THR A 130 21.54 20.94 7.34
CA THR A 130 22.65 21.60 8.11
C THR A 130 23.94 20.77 8.25
N CYS A 131 23.85 19.50 7.89
CA CYS A 131 24.97 18.56 7.97
C CYS A 131 25.77 18.46 6.68
N PRO A 132 27.03 18.04 6.81
CA PRO A 132 27.81 17.68 5.63
C PRO A 132 27.06 16.66 4.78
N VAL A 133 27.25 16.71 3.46
CA VAL A 133 26.48 15.86 2.55
C VAL A 133 26.50 14.39 2.97
N GLN A 134 27.71 13.87 3.26
CA GLN A 134 27.90 12.46 3.66
C GLN A 134 27.10 12.09 4.90
N ALA A 135 26.94 13.00 5.85
CA ALA A 135 25.96 12.78 6.92
C ALA A 135 24.53 12.85 6.34
N ARG A 136 24.11 13.99 5.81
CA ARG A 136 22.74 14.15 5.26
C ARG A 136 22.26 12.92 4.55
N GLU A 137 23.17 12.26 3.83
CA GLU A 137 22.78 11.20 2.90
C GLU A 137 23.33 9.85 3.27
N SER A 138 23.99 9.80 4.44
CA SER A 138 24.41 8.54 5.07
C SER A 138 23.46 7.41 4.79
N PHE A 139 22.24 7.50 5.32
CA PHE A 139 21.34 6.37 5.21
C PHE A 139 20.71 6.10 3.84
N TRP A 140 20.05 7.09 3.26
CA TRP A 140 19.38 6.81 2.01
C TRP A 140 20.32 6.64 0.80
N GLY A 141 21.45 7.32 0.83
CA GLY A 141 22.46 7.09 -0.22
C GLY A 141 23.02 5.67 -0.21
N MET A 142 23.43 5.18 0.96
CA MET A 142 23.89 3.83 1.09
C MET A 142 22.78 2.89 0.65
N ALA A 143 21.57 3.16 1.12
CA ALA A 143 20.41 2.39 0.75
C ALA A 143 20.24 2.30 -0.76
N SER A 144 20.52 3.38 -1.47
CA SER A 144 20.32 3.36 -2.91
C SER A 144 21.42 2.61 -3.63
N SER A 145 22.59 2.65 -3.03
CA SER A 145 23.74 1.92 -3.51
C SER A 145 23.52 0.44 -3.47
N SER A 146 23.30 -0.05 -2.27
CA SER A 146 23.10 -1.44 -2.06
C SER A 146 21.97 -1.96 -2.95
N TYR A 147 20.96 -1.13 -3.17
CA TYR A 147 19.84 -1.46 -4.01
C TYR A 147 20.36 -1.51 -5.45
N ALA A 148 20.74 -0.37 -5.99
CA ALA A 148 21.22 -0.32 -7.37
C ALA A 148 22.16 -1.49 -7.67
N HIS A 149 22.99 -1.79 -6.68
CA HIS A 149 24.08 -2.72 -6.85
C HIS A 149 23.54 -4.11 -7.07
N SER A 150 22.52 -4.45 -6.29
CA SER A 150 21.86 -5.75 -6.39
C SER A 150 20.94 -5.89 -7.60
N ALA A 151 20.83 -4.90 -8.47
CA ALA A 151 19.97 -5.10 -9.65
C ALA A 151 20.54 -6.02 -10.77
N GLU A 152 19.69 -6.84 -11.36
CA GLU A 152 20.09 -7.71 -12.46
C GLU A 152 19.10 -7.60 -13.57
N GLY A 153 19.59 -7.73 -14.79
CA GLY A 153 18.74 -7.81 -15.97
C GLY A 153 18.43 -6.46 -16.53
N GLU A 154 17.16 -6.26 -16.88
CA GLU A 154 16.70 -4.97 -17.34
C GLU A 154 16.33 -4.13 -16.15
N VAL A 155 16.60 -2.84 -16.26
CA VAL A 155 16.12 -1.93 -15.25
C VAL A 155 15.31 -0.83 -15.90
N THR A 156 14.36 -0.28 -15.15
CA THR A 156 13.57 0.82 -15.63
C THR A 156 13.79 2.08 -14.80
N TYR A 157 13.75 3.25 -15.45
CA TYR A 157 13.92 4.50 -14.74
C TYR A 157 12.83 5.49 -15.13
N MET A 158 12.14 6.03 -14.14
CA MET A 158 11.09 6.97 -14.45
C MET A 158 11.48 8.38 -14.05
N VAL A 159 11.21 9.30 -14.96
CA VAL A 159 11.63 10.68 -14.80
C VAL A 159 10.54 11.69 -15.11
N ASP A 160 10.69 12.90 -14.59
CA ASP A 160 9.69 13.94 -14.74
C ASP A 160 10.14 14.89 -15.82
N GLY A 161 9.42 14.92 -16.93
CA GLY A 161 9.85 15.69 -18.08
C GLY A 161 9.18 17.04 -18.15
N SER A 162 8.50 17.40 -17.07
CA SER A 162 7.72 18.62 -17.04
C SER A 162 8.20 19.65 -16.01
N ASN A 163 9.51 19.75 -15.82
CA ASN A 163 9.98 20.66 -14.79
C ASN A 163 11.10 21.60 -15.22
N PRO A 164 10.74 22.87 -15.42
CA PRO A 164 11.70 23.92 -15.80
C PRO A 164 12.92 23.99 -14.86
N LYS A 165 12.69 23.91 -13.54
CA LYS A 165 13.78 23.98 -12.58
C LYS A 165 14.66 22.74 -12.60
N VAL A 166 14.05 21.57 -12.39
CA VAL A 166 14.77 20.32 -12.24
C VAL A 166 14.81 19.48 -13.52
N PRO A 167 15.96 19.41 -14.22
CA PRO A 167 16.00 18.55 -15.41
C PRO A 167 15.64 17.08 -15.10
N ALA A 168 15.24 16.37 -16.14
CA ALA A 168 14.92 14.94 -16.05
C ALA A 168 16.06 14.07 -15.56
N TYR A 169 17.28 14.31 -16.01
CA TYR A 169 18.40 13.59 -15.45
C TYR A 169 19.40 14.59 -14.96
N ARG A 170 19.93 14.32 -13.77
CA ARG A 170 20.86 15.21 -13.08
C ARG A 170 21.86 14.33 -12.43
N PRO A 171 23.12 14.71 -12.54
CA PRO A 171 24.08 13.79 -12.01
C PRO A 171 24.15 13.87 -10.48
N ASP A 172 23.42 14.79 -9.87
CA ASP A 172 23.42 14.79 -8.42
C ASP A 172 22.08 14.39 -7.77
N SER A 173 21.14 13.90 -8.59
CA SER A 173 19.95 13.27 -8.04
C SER A 173 20.44 11.98 -7.44
N PHE A 174 19.81 11.47 -6.39
CA PHE A 174 20.15 10.14 -5.90
C PHE A 174 20.31 9.09 -6.97
N PHE A 175 19.50 9.20 -8.02
CA PHE A 175 19.69 8.35 -9.14
C PHE A 175 21.06 8.48 -9.78
N GLY A 176 21.51 9.72 -9.98
CA GLY A 176 22.79 9.97 -10.67
C GLY A 176 24.00 9.91 -9.77
N LYS A 177 23.75 10.01 -8.48
CA LYS A 177 24.77 10.01 -7.44
C LYS A 177 25.08 8.65 -6.93
N TYR A 178 24.05 7.86 -6.59
CA TYR A 178 24.21 6.52 -6.00
C TYR A 178 23.69 5.37 -6.85
N GLU A 179 22.67 5.61 -7.66
CA GLU A 179 22.03 4.50 -8.40
C GLU A 179 22.77 4.17 -9.73
N LEU A 180 22.62 4.99 -10.74
CA LEU A 180 23.30 4.71 -12.00
C LEU A 180 24.73 4.13 -11.87
N PRO A 181 25.69 4.93 -11.34
CA PRO A 181 27.10 4.50 -11.29
C PRO A 181 27.36 3.19 -10.56
N ASN A 182 26.34 2.59 -9.94
CA ASN A 182 26.53 1.38 -9.12
C ASN A 182 25.96 0.13 -9.76
N LEU A 183 25.29 0.31 -10.89
CA LEU A 183 24.80 -0.79 -11.69
C LEU A 183 25.96 -1.68 -12.10
N THR A 184 25.81 -2.99 -11.96
CA THR A 184 26.84 -3.95 -12.36
C THR A 184 26.66 -4.56 -13.75
N ASN A 185 27.58 -5.44 -14.10
CA ASN A 185 27.61 -6.05 -15.45
C ASN A 185 26.38 -6.99 -15.67
N LYS A 186 25.73 -7.36 -14.57
CA LYS A 186 24.54 -8.21 -14.62
C LYS A 186 23.40 -7.43 -15.25
N VAL A 187 23.52 -6.11 -15.32
CA VAL A 187 22.44 -5.32 -15.91
C VAL A 187 22.63 -5.21 -17.42
N THR A 188 21.55 -5.36 -18.18
CA THR A 188 21.68 -5.42 -19.63
C THR A 188 21.13 -4.21 -20.35
N ARG A 189 20.24 -3.49 -19.70
CA ARG A 189 19.53 -2.44 -20.43
C ARG A 189 18.85 -1.50 -19.46
N VAL A 190 18.59 -0.29 -19.95
CA VAL A 190 17.87 0.71 -19.17
C VAL A 190 16.66 1.21 -19.97
N LYS A 191 15.48 0.84 -19.55
CA LYS A 191 14.27 1.38 -20.16
C LYS A 191 13.87 2.67 -19.41
N VAL A 192 13.74 3.77 -20.11
CA VAL A 192 13.46 5.04 -19.47
C VAL A 192 12.04 5.53 -19.78
N ILE A 193 11.32 6.00 -18.77
CA ILE A 193 10.00 6.50 -19.01
C ILE A 193 9.88 7.96 -18.66
N VAL A 194 9.49 8.76 -19.64
CA VAL A 194 9.40 10.18 -19.40
C VAL A 194 7.95 10.54 -19.18
N LEU A 195 7.69 11.05 -17.98
CA LEU A 195 6.36 11.45 -17.58
C LEU A 195 6.15 12.88 -18.10
N HIS A 196 5.06 13.13 -18.81
CA HIS A 196 4.71 14.49 -19.21
C HIS A 196 3.38 14.85 -18.56
N ARG A 197 3.39 15.43 -17.37
CA ARG A 197 2.16 15.77 -16.67
C ARG A 197 1.18 16.45 -17.58
N LEU A 198 -0.09 16.14 -17.38
CA LEU A 198 -1.13 16.65 -18.24
C LEU A 198 -1.34 18.12 -17.94
N GLY A 199 -1.85 18.85 -18.93
CA GLY A 199 -2.16 20.25 -18.77
C GLY A 199 -0.93 21.14 -18.74
N GLU A 200 0.24 20.57 -18.47
CA GLU A 200 1.45 21.37 -18.22
C GLU A 200 2.51 21.31 -19.31
N LYS A 201 3.22 22.42 -19.48
CA LYS A 201 4.21 22.55 -20.54
C LYS A 201 5.26 21.42 -20.58
N ILE A 202 5.47 20.89 -21.79
CA ILE A 202 6.46 19.84 -22.05
C ILE A 202 7.87 20.42 -22.03
N ILE A 203 8.81 19.82 -21.28
CA ILE A 203 10.17 20.38 -21.18
C ILE A 203 11.22 19.46 -21.78
N GLU A 204 11.42 18.29 -21.20
CA GLU A 204 12.40 17.37 -21.77
C GLU A 204 11.75 16.38 -22.74
N LYS A 205 12.55 15.80 -23.63
CA LYS A 205 12.13 14.74 -24.58
C LYS A 205 13.26 13.72 -24.77
N CYS A 206 12.97 12.59 -25.44
CA CYS A 206 13.99 11.56 -25.73
C CYS A 206 14.95 12.12 -26.73
N GLY A 207 16.23 11.85 -26.49
CA GLY A 207 17.28 12.33 -27.39
C GLY A 207 17.61 13.83 -27.36
N ALA A 208 17.20 14.52 -26.31
CA ALA A 208 17.50 15.95 -26.19
C ALA A 208 17.60 16.38 -24.72
N GLY A 209 18.36 17.44 -24.48
CA GLY A 209 18.63 17.85 -23.12
C GLY A 209 19.25 16.72 -22.31
N SER A 210 18.99 16.69 -21.02
CA SER A 210 19.70 15.76 -20.16
C SER A 210 19.51 14.30 -20.62
N LEU A 211 18.43 14.03 -21.34
CA LEU A 211 18.16 12.66 -21.73
C LEU A 211 19.06 12.23 -22.87
N LEU A 212 19.58 13.22 -23.59
CA LEU A 212 20.65 12.96 -24.54
C LEU A 212 21.89 12.58 -23.72
N ASP A 213 22.15 13.33 -22.65
CA ASP A 213 23.31 13.10 -21.76
C ASP A 213 23.26 11.71 -21.14
N LEU A 214 22.08 11.38 -20.67
CA LEU A 214 21.91 10.14 -19.93
C LEU A 214 22.08 8.95 -20.86
N GLU A 215 21.45 9.08 -22.02
CA GLU A 215 21.63 8.14 -23.08
C GLU A 215 23.11 7.84 -23.31
N LYS A 216 23.91 8.86 -23.66
CA LYS A 216 25.34 8.63 -23.91
C LYS A 216 25.99 7.97 -22.73
N LEU A 217 25.66 8.46 -21.55
CA LEU A 217 26.27 7.95 -20.31
C LEU A 217 26.04 6.45 -20.13
N VAL A 218 24.78 6.07 -20.37
CA VAL A 218 24.34 4.68 -20.30
C VAL A 218 25.00 3.79 -21.37
N LYS A 219 25.23 4.34 -22.56
CA LYS A 219 25.87 3.60 -23.63
C LYS A 219 27.31 3.30 -23.26
N ALA A 220 27.98 4.28 -22.63
CA ALA A 220 29.35 4.10 -22.16
C ALA A 220 29.46 2.99 -21.11
N LYS A 221 28.39 2.78 -20.38
CA LYS A 221 28.37 1.71 -19.41
C LYS A 221 28.23 0.33 -20.02
N HIS A 222 28.16 0.27 -21.35
CA HIS A 222 27.87 -0.97 -22.11
C HIS A 222 26.46 -1.55 -21.90
N PHE A 223 25.50 -0.67 -21.62
CA PHE A 223 24.12 -1.05 -21.43
C PHE A 223 23.31 -0.66 -22.67
N ALA A 224 22.26 -1.43 -22.97
CA ALA A 224 21.31 -1.08 -24.03
C ALA A 224 20.46 0.09 -23.55
N PHE A 225 19.66 0.65 -24.45
CA PHE A 225 18.95 1.85 -24.09
C PHE A 225 17.71 2.12 -24.93
N ASP A 226 16.61 2.36 -24.24
CA ASP A 226 15.43 2.91 -24.90
C ASP A 226 14.69 3.89 -23.98
N CYS A 227 13.73 4.57 -24.56
CA CYS A 227 13.12 5.71 -23.88
C CYS A 227 11.75 5.97 -24.50
N VAL A 228 10.70 6.09 -23.69
CA VAL A 228 9.44 6.43 -24.29
C VAL A 228 8.81 7.59 -23.50
N GLU A 229 7.89 8.27 -24.15
CA GLU A 229 7.25 9.38 -23.50
C GLU A 229 5.76 9.11 -23.27
N ASN A 230 5.33 9.07 -21.99
CA ASN A 230 3.93 8.76 -21.67
C ASN A 230 3.39 7.50 -22.38
N PRO A 231 3.97 6.33 -22.10
CA PRO A 231 3.37 5.15 -22.70
C PRO A 231 1.96 5.02 -22.21
N ARG A 232 1.10 4.37 -22.98
CA ARG A 232 -0.33 4.27 -22.66
C ARG A 232 -0.60 3.86 -21.20
N ALA A 233 0.05 2.79 -20.74
CA ALA A 233 -0.20 2.31 -19.37
C ALA A 233 -0.09 3.44 -18.33
N VAL A 234 1.04 4.13 -18.36
CA VAL A 234 1.24 5.28 -17.52
C VAL A 234 0.22 6.36 -17.82
N LEU A 235 0.01 6.64 -19.11
CA LEU A 235 -0.93 7.69 -19.50
C LEU A 235 -2.29 7.54 -18.83
N PHE A 236 -2.79 6.32 -18.75
CA PHE A 236 -4.09 6.10 -18.15
C PHE A 236 -4.08 6.33 -16.68
N LEU A 237 -2.96 6.04 -16.07
CA LEU A 237 -2.80 6.34 -14.69
C LEU A 237 -3.05 7.81 -14.44
N LEU A 238 -2.26 8.66 -15.07
CA LEU A 238 -2.44 10.07 -14.90
C LEU A 238 -3.89 10.43 -15.11
N CYS A 239 -4.40 10.07 -16.28
CA CYS A 239 -5.75 10.32 -16.69
C CYS A 239 -6.76 9.95 -15.62
N SER A 240 -6.41 8.96 -14.82
CA SER A 240 -7.34 8.43 -13.84
C SER A 240 -7.65 9.52 -12.82
N ASP A 241 -6.61 10.29 -12.52
CA ASP A 241 -6.71 11.39 -11.59
C ASP A 241 -7.11 12.74 -12.20
N ASN A 242 -7.42 12.76 -13.50
CA ASN A 242 -7.56 14.03 -14.20
C ASN A 242 -8.13 13.75 -15.53
N PRO A 243 -9.32 13.15 -15.54
CA PRO A 243 -9.99 12.58 -16.70
C PRO A 243 -10.53 13.61 -17.68
N ASN A 244 -10.21 14.88 -17.51
CA ASN A 244 -10.71 15.89 -18.41
C ASN A 244 -9.66 16.50 -19.23
N ALA A 245 -8.42 16.40 -18.75
CA ALA A 245 -7.30 16.96 -19.47
C ALA A 245 -7.34 16.52 -20.93
N ARG A 246 -7.21 17.53 -21.80
CA ARG A 246 -7.18 17.36 -23.26
C ARG A 246 -6.52 16.09 -23.79
N GLU A 247 -5.45 15.68 -23.11
CA GLU A 247 -4.71 14.49 -23.46
C GLU A 247 -5.59 13.24 -23.30
N CYS A 248 -6.65 13.32 -22.50
CA CYS A 248 -7.35 12.08 -22.12
C CYS A 248 -8.57 11.73 -22.94
N ARG A 249 -8.87 12.46 -24.03
CA ARG A 249 -10.12 12.25 -24.83
C ARG A 249 -10.25 10.87 -25.44
N LEU A 250 -11.48 10.36 -25.47
CA LEU A 250 -11.79 9.01 -25.97
C LEU A 250 -12.26 9.01 -27.41
N ALA A 251 -11.88 7.96 -28.15
CA ALA A 251 -12.19 7.85 -29.58
C ALA A 251 -13.63 8.23 -29.97
N ILE B 1 -5.01 -26.05 5.65
CA ILE B 1 -4.92 -24.54 5.60
C ILE B 1 -4.15 -24.09 6.85
N VAL B 2 -3.04 -23.35 6.64
CA VAL B 2 -1.99 -23.13 7.67
C VAL B 2 -2.16 -21.82 8.41
N PRO B 3 -2.16 -21.86 9.75
CA PRO B 3 -2.33 -20.61 10.48
C PRO B 3 -1.11 -19.71 10.32
N THR B 4 -1.32 -18.42 10.52
CA THR B 4 -0.27 -17.42 10.42
C THR B 4 0.77 -17.63 11.51
N ARG B 5 2.06 -17.67 11.18
CA ARG B 5 3.04 -17.87 12.26
C ARG B 5 3.11 -16.70 13.23
N GLU B 6 3.47 -16.99 14.47
CA GLU B 6 3.71 -15.94 15.47
C GLU B 6 2.63 -14.90 15.41
N LEU B 7 1.38 -15.34 15.56
CA LEU B 7 0.23 -14.45 15.44
C LEU B 7 0.35 -13.25 16.35
N GLU B 8 0.55 -13.53 17.63
CA GLU B 8 0.65 -12.45 18.59
C GLU B 8 1.66 -11.36 18.20
N ASN B 9 2.82 -11.76 17.68
CA ASN B 9 3.85 -10.78 17.38
C ASN B 9 3.50 -9.92 16.20
N VAL B 10 2.83 -10.53 15.21
CA VAL B 10 2.47 -9.87 13.95
C VAL B 10 1.36 -8.90 14.29
N PHE B 11 0.44 -9.34 15.12
CA PHE B 11 -0.68 -8.51 15.53
C PHE B 11 -0.11 -7.26 16.21
N LEU B 12 0.78 -7.43 17.18
CA LEU B 12 1.27 -6.30 17.95
C LEU B 12 2.18 -5.35 17.12
N GLY B 13 2.87 -5.89 16.14
CA GLY B 13 3.71 -5.06 15.32
C GLY B 13 2.88 -4.26 14.35
N ARG B 14 1.91 -4.89 13.70
CA ARG B 14 1.10 -4.18 12.74
C ARG B 14 0.44 -3.07 13.52
N CYS B 15 0.11 -3.38 14.75
CA CYS B 15 -0.68 -2.49 15.55
C CYS B 15 0.14 -1.27 15.91
N LYS B 16 1.39 -1.49 16.26
CA LYS B 16 2.31 -0.41 16.67
C LYS B 16 2.66 0.45 15.48
N ASP B 17 2.91 -0.20 14.35
CA ASP B 17 3.22 0.48 13.11
C ASP B 17 2.07 1.43 12.71
N TYR B 18 0.87 0.96 12.95
CA TYR B 18 -0.31 1.72 12.59
C TYR B 18 -0.50 2.91 13.52
N GLU B 19 -0.53 2.59 14.81
CA GLU B 19 -0.65 3.56 15.90
C GLU B 19 0.18 4.78 15.58
N ILE B 20 1.36 4.58 15.02
CA ILE B 20 2.37 5.63 15.02
C ILE B 20 2.64 6.24 13.68
N THR B 21 2.29 5.56 12.58
CA THR B 21 2.78 6.07 11.31
C THR B 21 1.77 6.06 10.19
N ARG B 22 0.71 5.28 10.31
CA ARG B 22 -0.22 5.02 9.20
C ARG B 22 -1.49 5.84 9.29
N TYR B 23 -2.02 6.27 8.14
CA TYR B 23 -3.27 7.07 8.07
C TYR B 23 -3.33 8.14 9.14
N LEU B 24 -2.28 8.94 9.23
CA LEU B 24 -2.14 9.84 10.34
C LEU B 24 -3.06 11.00 10.14
N ASP B 25 -3.10 11.53 8.91
CA ASP B 25 -3.97 12.68 8.66
C ASP B 25 -5.34 12.19 8.24
N ILE B 26 -5.50 10.87 8.15
CA ILE B 26 -6.70 10.30 7.51
C ILE B 26 -7.72 9.70 8.48
N LEU B 27 -7.21 8.92 9.43
CA LEU B 27 -8.04 8.29 10.47
C LEU B 27 -7.58 8.67 11.88
N PRO B 28 -8.55 8.79 12.80
CA PRO B 28 -8.10 9.15 14.13
C PRO B 28 -7.45 7.96 14.86
N ARG B 29 -6.60 8.25 15.83
CA ARG B 29 -5.94 7.20 16.62
C ARG B 29 -6.96 6.51 17.48
N VAL B 30 -6.72 5.24 17.74
CA VAL B 30 -7.59 4.50 18.59
C VAL B 30 -7.13 4.74 20.04
N ARG B 31 -7.98 4.39 20.98
CA ARG B 31 -7.68 4.73 22.34
C ARG B 31 -7.05 3.62 23.16
N SER B 32 -7.43 2.37 22.94
CA SER B 32 -6.71 1.29 23.63
C SER B 32 -5.26 1.18 23.13
N ASP B 33 -4.32 0.84 24.01
CA ASP B 33 -2.98 0.50 23.54
C ASP B 33 -2.97 -0.89 22.86
N CYS B 34 -1.80 -1.36 22.48
CA CYS B 34 -1.75 -2.58 21.71
C CYS B 34 -2.03 -3.81 22.49
N SER B 35 -1.45 -3.95 23.69
CA SER B 35 -1.70 -5.17 24.47
C SER B 35 -3.10 -5.19 25.12
N ALA B 36 -3.67 -4.02 25.30
CA ALA B 36 -5.09 -3.89 25.57
C ALA B 36 -5.89 -4.50 24.41
N LEU B 37 -5.57 -4.08 23.20
CA LEU B 37 -6.29 -4.56 22.03
C LEU B 37 -6.19 -6.05 21.84
N TRP B 38 -4.98 -6.54 21.83
CA TRP B 38 -4.72 -7.95 21.79
C TRP B 38 -5.50 -8.75 22.82
N LYS B 39 -5.36 -8.36 24.09
CA LYS B 39 -6.09 -9.04 25.15
C LYS B 39 -7.50 -9.35 24.67
N ASP B 40 -8.21 -8.33 24.16
CA ASP B 40 -9.58 -8.53 23.75
C ASP B 40 -9.63 -9.43 22.52
N PHE B 41 -8.73 -9.21 21.58
CA PHE B 41 -8.74 -10.06 20.42
C PHE B 41 -8.60 -11.53 20.83
N PHE B 42 -7.57 -11.85 21.62
CA PHE B 42 -7.31 -13.21 22.00
C PHE B 42 -8.50 -13.84 22.75
N LYS B 43 -9.11 -13.09 23.66
CA LYS B 43 -10.20 -13.63 24.47
C LYS B 43 -11.34 -14.11 23.58
N ALA B 44 -11.68 -13.30 22.59
CA ALA B 44 -12.75 -13.69 21.67
C ALA B 44 -12.74 -15.17 21.33
N PHE B 45 -11.60 -15.70 20.88
CA PHE B 45 -11.56 -17.07 20.30
C PHE B 45 -10.75 -18.13 21.04
N SER B 46 -9.77 -17.70 21.82
CA SER B 46 -8.91 -18.66 22.51
C SER B 46 -9.66 -19.70 23.35
N PHE B 47 -9.04 -20.86 23.47
CA PHE B 47 -9.45 -21.92 24.39
C PHE B 47 -10.81 -22.53 24.09
N LYS B 48 -11.35 -22.19 22.93
CA LYS B 48 -12.59 -22.83 22.47
C LYS B 48 -12.28 -23.62 21.20
N ASN B 49 -13.16 -24.52 20.78
CA ASN B 49 -13.10 -24.95 19.42
C ASN B 49 -13.02 -23.83 18.44
N PRO B 50 -12.46 -24.14 17.27
CA PRO B 50 -12.50 -23.21 16.18
C PRO B 50 -13.95 -22.82 15.93
N CYS B 51 -14.83 -23.81 15.83
CA CYS B 51 -16.21 -23.59 15.46
C CYS B 51 -17.13 -23.13 16.58
N ASP B 52 -16.53 -22.59 17.63
CA ASP B 52 -17.32 -22.24 18.81
C ASP B 52 -17.47 -20.72 18.89
N LEU B 53 -17.59 -20.08 17.74
CA LEU B 53 -17.73 -18.64 17.73
C LEU B 53 -19.09 -18.25 17.22
N ASP B 54 -19.60 -17.12 17.72
CA ASP B 54 -20.74 -16.47 17.09
C ASP B 54 -20.39 -15.00 16.77
N LEU B 55 -21.42 -14.26 16.39
CA LEU B 55 -21.23 -12.90 16.00
C LEU B 55 -20.93 -11.91 17.14
N GLY B 56 -21.02 -12.37 18.40
CA GLY B 56 -20.76 -11.50 19.54
C GLY B 56 -19.36 -11.70 20.05
N SER B 57 -18.69 -12.72 19.52
CA SER B 57 -17.45 -13.17 20.11
C SER B 57 -16.32 -12.16 20.11
N TYR B 58 -16.28 -11.26 19.10
CA TYR B 58 -15.29 -10.19 19.07
C TYR B 58 -15.93 -8.83 19.37
N LYS B 59 -17.13 -8.80 19.98
CA LYS B 59 -17.77 -7.54 20.33
C LYS B 59 -16.84 -6.55 21.05
N ASP B 60 -16.19 -6.97 22.13
CA ASP B 60 -15.33 -6.09 22.90
C ASP B 60 -14.16 -5.55 22.10
N PHE B 61 -13.52 -6.44 21.34
CA PHE B 61 -12.41 -6.04 20.51
C PHE B 61 -12.89 -4.89 19.59
N PHE B 62 -13.91 -5.15 18.79
CA PHE B 62 -14.35 -4.09 17.90
C PHE B 62 -14.86 -2.91 18.66
N THR B 63 -15.18 -3.06 19.93
CA THR B 63 -15.55 -1.87 20.69
C THR B 63 -14.29 -1.06 20.88
N SER B 64 -13.21 -1.65 21.41
CA SER B 64 -11.96 -0.88 21.59
C SER B 64 -11.35 -0.38 20.28
N ALA B 65 -11.46 -1.15 19.19
CA ALA B 65 -10.70 -0.88 18.00
C ALA B 65 -11.40 -0.02 16.97
N GLN B 66 -12.61 0.41 17.30
CA GLN B 66 -13.40 1.21 16.36
C GLN B 66 -12.88 2.63 16.29
N GLN B 67 -12.78 3.17 15.08
CA GLN B 67 -12.40 4.56 14.93
C GLN B 67 -13.53 5.27 14.23
N GLN B 68 -13.80 6.51 14.64
CA GLN B 68 -14.69 7.38 13.93
C GLN B 68 -14.15 7.61 12.54
N LEU B 69 -15.04 7.67 11.56
CA LEU B 69 -14.64 7.73 10.16
C LEU B 69 -14.97 9.06 9.42
N PRO B 70 -14.06 9.49 8.57
CA PRO B 70 -14.35 10.72 7.81
C PRO B 70 -15.71 10.69 7.06
N LYS B 71 -16.49 11.75 7.30
CA LYS B 71 -17.68 12.10 6.51
C LYS B 71 -17.54 11.89 4.98
N ASN B 72 -18.50 11.20 4.36
CA ASN B 72 -18.48 10.94 2.92
C ASN B 72 -17.30 10.15 2.36
N LYS B 73 -16.45 9.56 3.19
CA LYS B 73 -15.31 8.94 2.58
C LYS B 73 -15.35 7.40 2.71
N VAL B 74 -16.41 6.88 3.32
CA VAL B 74 -16.51 5.42 3.45
C VAL B 74 -16.90 4.72 2.16
N MET B 75 -16.11 3.72 1.80
CA MET B 75 -16.45 2.91 0.65
C MET B 75 -16.75 1.47 1.06
N PHE B 76 -17.51 0.76 0.23
CA PHE B 76 -17.83 -0.63 0.43
C PHE B 76 -17.62 -1.21 -0.94
N TRP B 77 -17.55 -2.53 -1.03
CA TRP B 77 -17.30 -3.19 -2.30
C TRP B 77 -17.76 -4.66 -2.26
N SER B 78 -17.90 -5.28 -3.44
CA SER B 78 -18.28 -6.68 -3.57
C SER B 78 -17.72 -7.23 -4.84
N GLY B 79 -16.85 -8.23 -4.68
CA GLY B 79 -16.23 -8.93 -5.78
C GLY B 79 -15.31 -8.13 -6.65
N VAL B 80 -14.78 -7.05 -6.11
CA VAL B 80 -13.84 -6.20 -6.87
C VAL B 80 -12.64 -5.79 -6.04
N TYR B 81 -12.11 -6.70 -5.23
CA TYR B 81 -11.15 -6.27 -4.25
C TYR B 81 -10.08 -5.31 -4.85
N ASP B 82 -9.37 -5.78 -5.87
CA ASP B 82 -8.24 -5.03 -6.38
C ASP B 82 -8.65 -3.66 -6.85
N GLU B 83 -9.69 -3.60 -7.65
CA GLU B 83 -10.01 -2.36 -8.31
C GLU B 83 -10.57 -1.37 -7.31
N ALA B 84 -11.38 -1.86 -6.38
CA ALA B 84 -11.92 -1.02 -5.34
C ALA B 84 -10.82 -0.43 -4.47
N HIS B 85 -9.77 -1.19 -4.22
CA HIS B 85 -8.75 -0.65 -3.34
C HIS B 85 -7.80 0.27 -4.08
N ASP B 86 -7.65 0.04 -5.39
CA ASP B 86 -6.79 0.88 -6.23
C ASP B 86 -7.42 2.19 -6.35
N TYR B 87 -8.71 2.19 -6.64
CA TYR B 87 -9.39 3.43 -6.78
C TYR B 87 -9.46 4.23 -5.47
N ALA B 88 -9.59 3.55 -4.32
CA ALA B 88 -9.72 4.22 -3.01
C ALA B 88 -8.40 4.87 -2.66
N ASN B 89 -7.33 4.25 -3.11
CA ASN B 89 -5.98 4.82 -3.05
C ASN B 89 -5.40 5.03 -1.64
N THR B 90 -5.40 3.99 -0.81
CA THR B 90 -4.88 4.11 0.55
C THR B 90 -5.40 5.35 1.26
N GLY B 91 -6.71 5.42 1.40
CA GLY B 91 -7.30 6.49 2.18
C GLY B 91 -7.36 7.81 1.48
N ARG B 92 -6.54 8.01 0.45
CA ARG B 92 -6.55 9.33 -0.19
C ARG B 92 -7.90 9.72 -0.83
N LYS B 93 -8.46 8.86 -1.66
CA LYS B 93 -9.80 9.09 -2.21
C LYS B 93 -10.94 8.54 -1.33
N TYR B 94 -10.95 7.24 -1.02
CA TYR B 94 -11.92 6.67 -0.06
C TYR B 94 -11.32 5.81 1.07
N ILE B 95 -12.10 5.55 2.10
CA ILE B 95 -11.69 4.61 3.13
C ILE B 95 -12.29 3.24 2.90
N THR B 96 -11.49 2.19 2.94
CA THR B 96 -12.06 0.85 2.85
C THR B 96 -11.86 0.26 4.21
N LEU B 97 -12.58 -0.80 4.53
CA LEU B 97 -12.42 -1.41 5.84
C LEU B 97 -10.95 -1.78 6.13
N GLU B 98 -10.24 -2.22 5.10
CA GLU B 98 -8.83 -2.60 5.18
C GLU B 98 -7.88 -1.51 5.63
N ASP B 99 -8.40 -0.29 5.81
CA ASP B 99 -7.59 0.89 6.08
C ASP B 99 -7.73 1.22 7.53
N THR B 100 -8.73 0.63 8.18
CA THR B 100 -8.99 0.93 9.57
C THR B 100 -8.12 0.03 10.40
N LEU B 101 -7.77 0.50 11.59
CA LEU B 101 -6.97 -0.32 12.49
C LEU B 101 -7.29 -1.81 12.42
N PRO B 102 -8.56 -2.17 12.68
CA PRO B 102 -8.83 -3.60 12.79
C PRO B 102 -8.68 -4.33 11.47
N GLY B 103 -9.04 -3.68 10.36
CA GLY B 103 -8.87 -4.27 9.06
C GLY B 103 -7.41 -4.42 8.70
N TYR B 104 -6.63 -3.42 9.08
CA TYR B 104 -5.24 -3.42 8.76
C TYR B 104 -4.47 -4.45 9.54
N MET B 105 -4.75 -4.58 10.84
CA MET B 105 -4.03 -5.56 11.65
C MET B 105 -4.32 -6.93 11.11
N LEU B 106 -5.59 -7.17 10.79
CA LEU B 106 -6.00 -8.56 10.67
C LEU B 106 -6.01 -9.10 9.27
N ASN B 107 -5.86 -8.19 8.32
CA ASN B 107 -5.90 -8.48 6.90
C ASN B 107 -5.06 -9.66 6.48
N SER B 108 -5.72 -10.70 6.03
CA SER B 108 -5.03 -11.79 5.40
C SER B 108 -4.51 -12.80 6.37
N LEU B 109 -4.69 -12.58 7.65
CA LEU B 109 -4.17 -13.53 8.62
C LEU B 109 -5.12 -14.69 8.82
N VAL B 110 -4.55 -15.86 9.16
CA VAL B 110 -5.31 -17.06 9.47
C VAL B 110 -5.08 -17.51 10.91
N TRP B 111 -6.14 -17.67 11.68
CA TRP B 111 -6.02 -18.15 13.06
C TRP B 111 -7.22 -19.01 13.51
N CYS B 112 -7.06 -19.77 14.60
CA CYS B 112 -8.23 -20.30 15.29
C CYS B 112 -7.95 -20.81 16.67
N GLY B 113 -9.01 -20.97 17.45
CA GLY B 113 -8.88 -21.41 18.80
C GLY B 113 -8.76 -22.90 18.86
N GLN B 114 -8.27 -23.39 19.98
CA GLN B 114 -8.32 -24.80 20.30
C GLN B 114 -8.51 -24.78 21.80
N ARG B 115 -9.00 -25.87 22.32
CA ARG B 115 -9.40 -25.88 23.70
C ARG B 115 -8.13 -26.11 24.55
N ALA B 116 -7.24 -26.96 24.05
CA ALA B 116 -5.99 -27.28 24.70
C ALA B 116 -4.96 -26.17 24.59
N ASN B 117 -4.20 -25.93 25.65
CA ASN B 117 -3.08 -24.98 25.63
C ASN B 117 -2.34 -25.04 24.33
N PRO B 118 -1.94 -23.90 23.78
CA PRO B 118 -2.00 -22.54 24.32
C PRO B 118 -3.33 -21.79 24.14
N GLY B 119 -4.39 -22.51 23.77
CA GLY B 119 -5.68 -21.88 23.55
C GLY B 119 -5.93 -21.65 22.05
N PHE B 120 -4.89 -21.80 21.27
CA PHE B 120 -5.02 -21.60 19.83
C PHE B 120 -4.07 -22.56 19.10
N ASN B 121 -4.32 -22.75 17.81
CA ASN B 121 -3.72 -23.86 17.07
C ASN B 121 -2.64 -23.42 16.12
N GLU B 122 -1.40 -23.87 16.31
CA GLU B 122 -0.38 -23.37 15.38
C GLU B 122 -0.10 -24.28 14.20
N LYS B 123 -0.74 -25.44 14.18
CA LYS B 123 -0.55 -26.32 13.06
C LYS B 123 -1.57 -26.08 11.98
N VAL B 124 -2.83 -26.09 12.36
CA VAL B 124 -3.85 -26.10 11.35
C VAL B 124 -5.12 -25.40 11.80
N CYS B 125 -5.84 -24.84 10.83
CA CYS B 125 -7.25 -24.44 11.02
C CYS B 125 -8.14 -25.06 9.96
N PRO B 126 -9.37 -25.48 10.36
CA PRO B 126 -10.42 -26.13 9.50
C PRO B 126 -10.91 -25.18 8.42
N ASP B 127 -11.55 -25.66 7.33
CA ASP B 127 -11.88 -24.70 6.22
C ASP B 127 -12.58 -23.53 6.80
N PHE B 128 -13.41 -23.69 7.79
CA PHE B 128 -14.35 -22.63 8.16
C PHE B 128 -15.59 -22.77 7.24
N LYS B 129 -15.45 -23.15 5.96
CA LYS B 129 -16.68 -23.56 5.30
C LYS B 129 -17.17 -24.91 5.87
N THR B 130 -16.51 -25.39 6.92
CA THR B 130 -17.07 -26.53 7.69
C THR B 130 -17.80 -26.14 8.97
N CYS B 131 -17.75 -24.85 9.30
CA CYS B 131 -18.39 -24.29 10.50
C CYS B 131 -19.77 -23.72 10.23
N PRO B 132 -20.59 -23.64 11.28
CA PRO B 132 -21.82 -22.87 11.18
C PRO B 132 -21.51 -21.48 10.62
N VAL B 133 -22.48 -20.84 10.00
CA VAL B 133 -22.23 -19.51 9.46
C VAL B 133 -21.73 -18.50 10.54
N GLN B 134 -22.38 -18.45 11.71
CA GLN B 134 -22.03 -17.48 12.72
C GLN B 134 -20.57 -17.58 13.16
N ALA B 135 -20.01 -18.79 13.18
CA ALA B 135 -18.55 -18.97 13.39
C ALA B 135 -17.78 -18.51 12.13
N ARG B 136 -17.93 -19.21 11.01
CA ARG B 136 -17.31 -18.80 9.75
C ARG B 136 -17.12 -17.32 9.67
N GLU B 137 -18.11 -16.55 10.11
CA GLU B 137 -18.15 -15.13 9.79
C GLU B 137 -18.14 -14.29 11.03
N SER B 138 -17.92 -14.92 12.17
CA SER B 138 -17.65 -14.23 13.43
C SER B 138 -16.85 -12.96 13.29
N PHE B 139 -15.63 -13.08 12.79
CA PHE B 139 -14.77 -11.91 12.76
C PHE B 139 -15.09 -10.90 11.68
N TRP B 140 -15.05 -11.30 10.43
CA TRP B 140 -15.21 -10.31 9.36
C TRP B 140 -16.66 -9.72 9.25
N GLY B 141 -17.65 -10.53 9.58
CA GLY B 141 -19.00 -10.01 9.71
C GLY B 141 -19.16 -8.90 10.75
N MET B 142 -18.72 -9.15 11.99
CA MET B 142 -18.75 -8.14 13.03
C MET B 142 -17.86 -6.99 12.59
N ALA B 143 -16.76 -7.28 11.91
CA ALA B 143 -15.93 -6.20 11.45
C ALA B 143 -16.73 -5.28 10.55
N SER B 144 -17.47 -5.87 9.60
CA SER B 144 -18.22 -5.07 8.63
C SER B 144 -19.35 -4.29 9.24
N SER B 145 -19.97 -4.88 10.25
CA SER B 145 -21.04 -4.22 11.02
C SER B 145 -20.54 -2.97 11.69
N SER B 146 -19.42 -3.06 12.40
CA SER B 146 -18.87 -1.96 13.15
C SER B 146 -18.50 -0.87 12.16
N TYR B 147 -17.90 -1.32 11.06
CA TYR B 147 -17.50 -0.42 10.06
C TYR B 147 -18.72 0.30 9.53
N ALA B 148 -19.69 -0.43 9.02
CA ALA B 148 -20.84 0.18 8.34
C ALA B 148 -21.60 1.13 9.29
N HIS B 149 -21.61 0.70 10.53
CA HIS B 149 -22.35 1.40 11.55
C HIS B 149 -21.76 2.76 11.86
N SER B 150 -20.43 2.88 11.82
CA SER B 150 -19.80 4.17 12.05
C SER B 150 -19.64 4.99 10.79
N ALA B 151 -20.31 4.67 9.69
CA ALA B 151 -20.25 5.54 8.50
C ALA B 151 -21.19 6.76 8.61
N GLU B 152 -20.72 7.94 8.17
CA GLU B 152 -21.54 9.15 8.15
C GLU B 152 -21.50 9.79 6.78
N GLY B 153 -22.59 10.42 6.39
CA GLY B 153 -22.60 11.20 5.18
C GLY B 153 -22.86 10.38 3.96
N GLU B 154 -22.08 10.61 2.92
CA GLU B 154 -22.26 9.85 1.72
C GLU B 154 -21.41 8.62 1.81
N VAL B 155 -21.96 7.54 1.28
CA VAL B 155 -21.19 6.33 1.11
C VAL B 155 -21.19 5.80 -0.32
N THR B 156 -20.15 5.07 -0.65
CA THR B 156 -19.99 4.64 -1.99
C THR B 156 -19.86 3.13 -2.01
N TYR B 157 -20.39 2.48 -3.03
CA TYR B 157 -20.37 1.03 -3.11
C TYR B 157 -19.91 0.60 -4.49
N MET B 158 -18.87 -0.21 -4.55
CA MET B 158 -18.42 -0.67 -5.82
C MET B 158 -18.74 -2.13 -6.08
N VAL B 159 -19.30 -2.40 -7.24
CA VAL B 159 -19.75 -3.75 -7.55
C VAL B 159 -19.24 -4.30 -8.90
N ASP B 160 -19.45 -5.59 -9.13
CA ASP B 160 -18.95 -6.22 -10.33
C ASP B 160 -20.11 -6.56 -11.22
N GLY B 161 -20.20 -5.90 -12.36
CA GLY B 161 -21.36 -6.07 -13.23
C GLY B 161 -21.11 -6.98 -14.42
N SER B 162 -20.02 -7.74 -14.33
CA SER B 162 -19.60 -8.61 -15.39
C SER B 162 -19.57 -10.06 -14.90
N ASN B 163 -20.44 -10.41 -13.96
CA ASN B 163 -20.46 -11.79 -13.50
C ASN B 163 -21.78 -12.55 -13.64
N PRO B 164 -21.81 -13.52 -14.59
CA PRO B 164 -22.98 -14.36 -14.81
C PRO B 164 -23.41 -15.08 -13.54
N LYS B 165 -22.44 -15.65 -12.81
CA LYS B 165 -22.74 -16.41 -11.59
C LYS B 165 -23.14 -15.54 -10.39
N VAL B 166 -22.35 -14.53 -10.10
CA VAL B 166 -22.62 -13.65 -8.97
C VAL B 166 -23.27 -12.32 -9.38
N PRO B 167 -24.53 -12.08 -8.94
CA PRO B 167 -25.12 -10.78 -9.24
C PRO B 167 -24.42 -9.62 -8.52
N ALA B 168 -24.56 -8.43 -9.11
CA ALA B 168 -24.03 -7.18 -8.55
C ALA B 168 -24.46 -6.93 -7.12
N TYR B 169 -25.73 -7.10 -6.82
CA TYR B 169 -26.15 -7.02 -5.44
C TYR B 169 -26.83 -8.30 -5.04
N ARG B 170 -26.50 -8.74 -3.84
CA ARG B 170 -26.99 -10.01 -3.33
C ARG B 170 -27.20 -9.79 -1.87
N PRO B 171 -28.36 -10.24 -1.37
CA PRO B 171 -28.60 -9.92 0.02
C PRO B 171 -27.77 -10.78 0.98
N ASP B 172 -27.02 -11.76 0.47
CA ASP B 172 -26.14 -12.50 1.37
C ASP B 172 -24.65 -12.25 1.11
N SER B 173 -24.34 -11.21 0.36
CA SER B 173 -22.98 -10.79 0.35
C SER B 173 -22.73 -10.14 1.73
N PHE B 174 -21.48 -10.01 2.07
CA PHE B 174 -21.16 -9.25 3.25
C PHE B 174 -21.74 -7.85 3.23
N PHE B 175 -21.65 -7.20 2.09
CA PHE B 175 -22.38 -5.95 1.96
C PHE B 175 -23.83 -6.04 2.38
N GLY B 176 -24.58 -6.99 1.80
CA GLY B 176 -26.04 -7.10 1.98
C GLY B 176 -26.45 -7.71 3.29
N LYS B 177 -25.49 -8.39 3.90
CA LYS B 177 -25.67 -9.15 5.11
C LYS B 177 -25.37 -8.34 6.34
N TYR B 178 -24.23 -7.66 6.33
CA TYR B 178 -23.74 -6.88 7.48
C TYR B 178 -23.55 -5.39 7.25
N GLU B 179 -23.26 -5.02 6.00
CA GLU B 179 -22.98 -3.61 5.71
C GLU B 179 -24.26 -2.73 5.51
N LEU B 180 -25.02 -2.96 4.44
CA LEU B 180 -26.21 -2.15 4.15
C LEU B 180 -27.24 -2.01 5.30
N PRO B 181 -27.75 -3.12 5.82
CA PRO B 181 -28.72 -3.00 6.92
C PRO B 181 -28.19 -2.34 8.22
N ASN B 182 -26.91 -1.98 8.29
CA ASN B 182 -26.37 -1.42 9.53
C ASN B 182 -26.10 0.08 9.44
N LEU B 183 -26.15 0.60 8.23
CA LEU B 183 -26.04 2.03 8.02
C LEU B 183 -27.05 2.80 8.85
N THR B 184 -26.64 3.90 9.47
CA THR B 184 -27.51 4.69 10.37
C THR B 184 -28.01 5.99 9.73
N ASN B 185 -28.87 6.69 10.45
CA ASN B 185 -29.55 7.88 9.90
C ASN B 185 -28.55 8.97 9.54
N LYS B 186 -27.30 8.77 9.99
CA LYS B 186 -26.25 9.70 9.71
C LYS B 186 -25.80 9.62 8.28
N VAL B 187 -26.15 8.55 7.60
CA VAL B 187 -25.79 8.42 6.18
C VAL B 187 -26.84 9.08 5.31
N THR B 188 -26.43 9.78 4.27
CA THR B 188 -27.40 10.54 3.47
C THR B 188 -27.63 9.98 2.10
N ARG B 189 -26.70 9.16 1.61
CA ARG B 189 -26.78 8.78 0.21
C ARG B 189 -25.85 7.63 -0.07
N VAL B 190 -26.09 6.98 -1.20
CA VAL B 190 -25.33 5.83 -1.60
C VAL B 190 -24.99 5.97 -3.05
N LYS B 191 -23.74 6.28 -3.34
CA LYS B 191 -23.31 6.36 -4.70
C LYS B 191 -22.86 4.93 -5.08
N VAL B 192 -23.40 4.38 -6.15
CA VAL B 192 -22.98 3.05 -6.58
C VAL B 192 -22.15 3.12 -7.85
N ILE B 193 -21.10 2.30 -7.90
CA ILE B 193 -20.21 2.22 -9.08
C ILE B 193 -20.17 0.82 -9.65
N VAL B 194 -20.62 0.67 -10.87
CA VAL B 194 -20.74 -0.64 -11.45
C VAL B 194 -19.56 -0.85 -12.36
N LEU B 195 -18.72 -1.79 -12.01
CA LEU B 195 -17.56 -2.02 -12.82
C LEU B 195 -17.86 -2.92 -13.99
N HIS B 196 -17.47 -2.52 -15.19
CA HIS B 196 -17.70 -3.41 -16.35
C HIS B 196 -16.38 -3.87 -16.95
N ARG B 197 -15.86 -4.99 -16.45
CA ARG B 197 -14.57 -5.43 -16.95
C ARG B 197 -14.45 -5.35 -18.45
N LEU B 198 -13.24 -5.03 -18.90
CA LEU B 198 -12.97 -4.84 -20.29
C LEU B 198 -12.98 -6.20 -21.04
N GLY B 199 -13.30 -6.18 -22.31
CA GLY B 199 -13.24 -7.38 -23.11
C GLY B 199 -14.36 -8.33 -22.76
N GLU B 200 -15.02 -8.13 -21.63
CA GLU B 200 -15.95 -9.16 -21.15
C GLU B 200 -17.43 -8.79 -21.13
N LYS B 201 -18.27 -9.77 -21.44
CA LYS B 201 -19.69 -9.54 -21.58
C LYS B 201 -20.25 -8.69 -20.42
N ILE B 202 -21.10 -7.73 -20.77
CA ILE B 202 -21.79 -6.88 -19.78
C ILE B 202 -23.03 -7.59 -19.23
N ILE B 203 -23.22 -7.63 -17.92
CA ILE B 203 -24.38 -8.35 -17.35
C ILE B 203 -25.36 -7.44 -16.61
N GLU B 204 -24.90 -6.78 -15.56
CA GLU B 204 -25.78 -5.90 -14.80
C GLU B 204 -25.64 -4.43 -15.21
N LYS B 205 -26.71 -3.65 -15.03
CA LYS B 205 -26.78 -2.23 -15.45
C LYS B 205 -27.64 -1.46 -14.44
N CYS B 206 -27.48 -0.14 -14.37
CA CYS B 206 -28.31 0.66 -13.43
C CYS B 206 -29.75 0.47 -13.81
N GLY B 207 -30.61 0.44 -12.79
CA GLY B 207 -32.05 0.35 -12.97
C GLY B 207 -32.58 -0.99 -13.46
N ALA B 208 -31.75 -2.04 -13.41
CA ALA B 208 -32.18 -3.38 -13.85
C ALA B 208 -31.53 -4.49 -13.05
N GLY B 209 -32.16 -5.66 -13.07
CA GLY B 209 -31.70 -6.78 -12.25
C GLY B 209 -31.47 -6.35 -10.80
N SER B 210 -30.51 -6.98 -10.15
CA SER B 210 -30.28 -6.75 -8.74
C SER B 210 -30.20 -5.27 -8.36
N LEU B 211 -29.64 -4.45 -9.26
CA LEU B 211 -29.44 -3.02 -9.00
C LEU B 211 -30.70 -2.26 -8.97
N LEU B 212 -31.73 -2.79 -9.60
CA LEU B 212 -33.07 -2.27 -9.46
C LEU B 212 -33.53 -2.60 -8.03
N ASP B 213 -33.24 -3.82 -7.58
CA ASP B 213 -33.59 -4.24 -6.21
C ASP B 213 -32.89 -3.42 -5.14
N LEU B 214 -31.61 -3.24 -5.31
CA LEU B 214 -30.84 -2.49 -4.36
C LEU B 214 -31.34 -1.05 -4.27
N GLU B 215 -31.55 -0.46 -5.45
CA GLU B 215 -32.12 0.88 -5.54
C GLU B 215 -33.32 0.97 -4.63
N LYS B 216 -34.30 0.10 -4.86
CA LYS B 216 -35.54 0.14 -4.06
C LYS B 216 -35.23 0.02 -2.57
N LEU B 217 -34.42 -0.97 -2.23
CA LEU B 217 -33.97 -1.18 -0.87
C LEU B 217 -33.45 0.09 -0.21
N VAL B 218 -32.53 0.73 -0.91
CA VAL B 218 -31.89 1.93 -0.42
C VAL B 218 -32.88 3.08 -0.20
N LYS B 219 -33.77 3.24 -1.18
CA LYS B 219 -34.82 4.25 -1.07
C LYS B 219 -35.64 4.01 0.20
N ALA B 220 -36.02 2.76 0.47
CA ALA B 220 -36.77 2.45 1.68
C ALA B 220 -36.04 2.90 2.94
N LYS B 221 -34.72 2.89 2.90
CA LYS B 221 -33.91 3.29 4.05
C LYS B 221 -33.90 4.80 4.29
N HIS B 222 -34.58 5.53 3.40
CA HIS B 222 -34.56 7.00 3.41
C HIS B 222 -33.17 7.57 3.04
N PHE B 223 -32.47 6.87 2.15
CA PHE B 223 -31.23 7.37 1.56
C PHE B 223 -31.40 7.85 0.12
N ALA B 224 -30.62 8.84 -0.27
CA ALA B 224 -30.58 9.21 -1.68
C ALA B 224 -29.97 8.06 -2.49
N PHE B 225 -29.78 8.26 -3.77
CA PHE B 225 -29.26 7.17 -4.53
C PHE B 225 -28.85 7.54 -5.96
N ASP B 226 -27.64 7.16 -6.32
CA ASP B 226 -27.21 7.26 -7.71
C ASP B 226 -26.24 6.15 -8.06
N CYS B 227 -26.02 5.96 -9.35
CA CYS B 227 -25.37 4.77 -9.86
C CYS B 227 -24.80 5.11 -11.22
N VAL B 228 -23.61 4.62 -11.48
CA VAL B 228 -22.93 5.02 -12.68
C VAL B 228 -22.12 3.80 -13.06
N GLU B 229 -21.87 3.62 -14.36
CA GLU B 229 -21.20 2.46 -14.88
C GLU B 229 -19.87 2.93 -15.52
N ASN B 230 -18.74 2.49 -14.98
CA ASN B 230 -17.42 2.79 -15.57
C ASN B 230 -17.19 4.30 -15.72
N PRO B 231 -17.45 5.06 -14.66
CA PRO B 231 -17.00 6.46 -14.71
C PRO B 231 -15.56 6.53 -15.19
N ARG B 232 -15.18 7.62 -15.87
CA ARG B 232 -13.84 7.74 -16.46
C ARG B 232 -12.70 7.44 -15.46
N ALA B 233 -12.75 8.01 -14.25
CA ALA B 233 -11.63 7.79 -13.32
C ALA B 233 -11.34 6.30 -13.14
N VAL B 234 -12.40 5.52 -13.01
CA VAL B 234 -12.30 4.07 -12.90
C VAL B 234 -11.94 3.42 -14.24
N LEU B 235 -12.58 3.88 -15.30
CA LEU B 235 -12.28 3.33 -16.60
C LEU B 235 -10.78 3.35 -16.84
N PHE B 236 -10.12 4.46 -16.49
CA PHE B 236 -8.70 4.60 -16.82
C PHE B 236 -7.82 3.68 -16.04
N LEU B 237 -8.21 3.41 -14.80
CA LEU B 237 -7.54 2.41 -14.01
C LEU B 237 -7.51 1.09 -14.76
N LEU B 238 -8.68 0.62 -15.16
CA LEU B 238 -8.79 -0.67 -15.83
C LEU B 238 -7.84 -0.66 -17.00
N CYS B 239 -8.00 0.35 -17.85
CA CYS B 239 -7.18 0.51 -19.03
C CYS B 239 -5.70 0.49 -18.77
N SER B 240 -5.32 1.10 -17.67
CA SER B 240 -3.94 1.12 -17.29
C SER B 240 -3.35 -0.29 -17.35
N ASP B 241 -4.16 -1.27 -16.99
CA ASP B 241 -3.71 -2.65 -16.91
C ASP B 241 -3.98 -3.44 -18.15
N ASN B 242 -4.69 -2.83 -19.09
CA ASN B 242 -5.13 -3.50 -20.32
C ASN B 242 -5.34 -2.47 -21.42
N PRO B 243 -4.29 -1.75 -21.82
CA PRO B 243 -4.42 -0.59 -22.69
C PRO B 243 -4.77 -0.92 -24.14
N ASN B 244 -5.14 -2.15 -24.43
CA ASN B 244 -5.56 -2.46 -25.77
C ASN B 244 -6.99 -2.82 -25.94
N ALA B 245 -7.64 -3.13 -24.83
CA ALA B 245 -9.07 -3.42 -24.91
C ALA B 245 -9.79 -2.35 -25.71
N ARG B 246 -10.69 -2.81 -26.56
CA ARG B 246 -11.46 -1.96 -27.42
C ARG B 246 -12.02 -0.73 -26.67
N GLU B 247 -12.28 -0.82 -25.37
CA GLU B 247 -12.86 0.32 -24.66
C GLU B 247 -11.87 1.46 -24.46
N CYS B 248 -10.58 1.20 -24.66
CA CYS B 248 -9.54 2.16 -24.28
C CYS B 248 -9.01 3.06 -25.41
N ARG B 249 -9.55 2.96 -26.61
CA ARG B 249 -9.02 3.78 -27.71
C ARG B 249 -8.98 5.28 -27.45
N LEU B 250 -7.98 5.96 -28.03
CA LEU B 250 -7.77 7.42 -27.89
C LEU B 250 -8.32 8.23 -29.06
N ALA B 251 -8.83 9.45 -28.78
CA ALA B 251 -9.46 10.38 -29.77
C ALA B 251 -8.66 10.68 -31.04
#